data_4ZHD
#
_entry.id   4ZHD
#
_cell.length_a   114.589
_cell.length_b   114.589
_cell.length_c   118.781
_cell.angle_alpha   90.000
_cell.angle_beta   90.000
_cell.angle_gamma   90.000
#
_symmetry.space_group_name_H-M   'P 41 21 2'
#
loop_
_entity.id
_entity.type
_entity.pdbx_description
1 polymer 'Neutrophil gelatinase-associated lipocalin'
2 non-polymer 'PLUTONIUM ION'
3 non-polymer 'methyl N-(2,3-dihydroxybenzoyl)-O-formyl-L-serinate'
4 non-polymer GLYCEROL
5 non-polymer 'SULFATE ION'
6 water water
#
_entity_poly.entity_id   1
_entity_poly.type   'polypeptide(L)'
_entity_poly.pdbx_seq_one_letter_code
;GSQDSTSDLIPAPPLSKVPLQQNFQDNQFQGKWYVVGLAGNAILREDKDPQKMYATIYELKEDKSYNVTSVLFRKKKCDY
WIRTFVPGSQPGEFTLGNIKSYPGLTSYLVRVVSTNYNQHAMVFFKKVSQNREYFKITLYGRTKELTSELKENFIRFSKS
LGLPENHIVFPVPIDQCIDG
;
_entity_poly.pdbx_strand_id   A,B,C
#
loop_
_chem_comp.id
_chem_comp.type
_chem_comp.name
_chem_comp.formula
4OZ peptide-like 'methyl N-(2,3-dihydroxybenzoyl)-O-formyl-L-serinate' 'C12 H13 N O7'
4PU non-polymer 'PLUTONIUM ION' 'Pu 4'
GOL non-polymer GLYCEROL 'C3 H8 O3'
SO4 non-polymer 'SULFATE ION' 'O4 S -2'
#
# COMPACT_ATOMS: atom_id res chain seq x y z
N THR A 6 7.46 38.93 3.26
CA THR A 6 6.20 38.52 2.57
C THR A 6 6.13 37.00 2.43
N SER A 7 5.00 36.45 2.86
CA SER A 7 4.63 35.11 2.49
C SER A 7 3.12 34.95 2.65
N ASP A 8 2.58 33.95 1.98
CA ASP A 8 1.16 33.72 1.95
C ASP A 8 1.03 32.25 2.21
N LEU A 9 0.21 31.88 3.18
CA LEU A 9 0.09 30.49 3.61
C LEU A 9 -1.36 30.08 3.68
N ILE A 10 -1.62 28.84 3.33
CA ILE A 10 -2.91 28.24 3.57
C ILE A 10 -3.11 28.16 5.08
N PRO A 11 -4.26 28.63 5.59
CA PRO A 11 -4.46 28.71 7.03
C PRO A 11 -4.45 27.32 7.68
N ALA A 12 -3.89 27.21 8.87
CA ALA A 12 -3.96 25.99 9.67
C ALA A 12 -5.42 25.65 9.90
N PRO A 13 -5.76 24.37 9.86
CA PRO A 13 -7.15 23.99 10.12
C PRO A 13 -7.47 24.15 11.60
N PRO A 14 -8.74 24.31 11.95
CA PRO A 14 -9.07 24.21 13.36
C PRO A 14 -8.81 22.80 13.87
N LEU A 15 -8.47 22.69 15.15
CA LEU A 15 -8.06 21.43 15.71
C LEU A 15 -9.22 20.45 15.75
N SER A 16 -10.43 20.97 15.63
CA SER A 16 -11.61 20.12 15.53
C SER A 16 -11.63 19.27 14.27
N LYS A 17 -10.86 19.66 13.26
CA LYS A 17 -10.78 18.85 12.03
C LYS A 17 -9.65 17.84 12.08
N VAL A 18 -8.95 17.76 13.21
CA VAL A 18 -7.80 16.87 13.30
C VAL A 18 -8.06 15.78 14.33
N PRO A 19 -8.36 14.56 13.88
CA PRO A 19 -8.67 13.54 14.87
C PRO A 19 -7.47 13.19 15.74
N LEU A 20 -7.76 12.62 16.91
CA LEU A 20 -6.77 12.05 17.79
C LEU A 20 -6.92 10.52 17.86
N GLN A 21 -5.82 9.80 17.68
CA GLN A 21 -5.82 8.35 17.89
C GLN A 21 -6.36 7.97 19.27
N GLN A 22 -7.45 7.23 19.33
CA GLN A 22 -8.02 6.78 20.60
C GLN A 22 -7.02 5.84 21.29
N ASN A 23 -7.00 5.92 22.62
CA ASN A 23 -6.28 4.96 23.45
C ASN A 23 -4.81 4.87 23.05
N PHE A 24 -4.17 6.01 22.87
CA PHE A 24 -2.80 6.07 22.39
C PHE A 24 -1.82 5.35 23.32
N GLN A 25 -0.94 4.53 22.75
CA GLN A 25 0.01 3.72 23.54
C GLN A 25 1.44 4.19 23.30
N ASP A 26 2.00 4.92 24.26
CA ASP A 26 3.23 5.64 24.04
C ASP A 26 4.39 4.68 23.82
N ASN A 27 4.37 3.56 24.52
CA ASN A 27 5.45 2.60 24.39
C ASN A 27 5.47 1.94 23.00
N GLN A 28 4.30 1.67 22.43
CA GLN A 28 4.20 0.98 21.13
C GLN A 28 4.53 1.91 19.95
N PHE A 29 4.46 3.21 20.19
CA PHE A 29 4.76 4.16 19.14
C PHE A 29 6.27 4.38 18.93
N GLN A 30 7.06 3.90 19.88
CA GLN A 30 8.50 4.07 19.85
C GLN A 30 9.17 3.43 18.64
N GLY A 31 10.42 3.79 18.40
CA GLY A 31 11.22 3.15 17.36
C GLY A 31 11.27 4.00 16.10
N LYS A 32 11.70 3.39 15.00
CA LYS A 32 11.92 4.12 13.75
C LYS A 32 10.68 4.13 12.87
N TRP A 33 10.38 5.29 12.33
CA TRP A 33 9.33 5.47 11.34
C TRP A 33 9.90 6.14 10.11
N TYR A 34 9.56 5.65 8.93
CA TYR A 34 9.95 6.31 7.71
C TYR A 34 8.88 7.33 7.31
N VAL A 35 9.33 8.47 6.79
CA VAL A 35 8.41 9.46 6.23
C VAL A 35 8.04 9.11 4.79
N VAL A 36 6.91 8.43 4.64
CA VAL A 36 6.45 7.93 3.35
C VAL A 36 5.62 8.99 2.63
N GLY A 37 4.98 9.87 3.39
CA GLY A 37 4.21 10.96 2.82
C GLY A 37 4.38 12.19 3.69
N LEU A 38 4.36 13.35 3.05
CA LEU A 38 4.53 14.61 3.77
C LEU A 38 3.68 15.67 3.09
N ALA A 39 2.87 16.41 3.88
CA ALA A 39 2.01 17.46 3.37
C ALA A 39 1.96 18.62 4.34
N GLY A 40 1.78 19.83 3.82
CA GLY A 40 1.69 21.00 4.69
C GLY A 40 1.65 22.30 3.94
N ASN A 41 1.39 23.38 4.65
CA ASN A 41 1.26 24.67 4.01
C ASN A 41 2.57 25.25 3.54
N ALA A 42 3.69 24.74 4.03
CA ALA A 42 4.99 25.16 3.50
C ALA A 42 5.67 24.04 2.71
N ILE A 43 4.97 22.95 2.45
CA ILE A 43 5.55 21.85 1.65
C ILE A 43 5.12 22.03 0.21
N LEU A 44 6.08 21.96 -0.72
CA LEU A 44 5.76 22.08 -2.14
C LEU A 44 6.42 20.94 -2.92
N ARG A 45 5.66 20.32 -3.82
CA ARG A 45 6.21 19.35 -4.74
C ARG A 45 7.25 20.03 -5.64
N GLU A 46 8.43 19.45 -5.74
CA GLU A 46 9.50 19.99 -6.57
C GLU A 46 10.03 18.89 -7.49
N ASP A 47 9.71 18.99 -8.77
CA ASP A 47 10.03 17.92 -9.71
C ASP A 47 11.51 17.91 -10.10
N LYS A 48 12.18 19.06 -10.00
CA LYS A 48 13.62 19.16 -10.32
C LYS A 48 14.49 18.34 -9.36
N ASP A 49 14.33 18.55 -8.05
CA ASP A 49 15.01 17.69 -7.04
C ASP A 49 13.98 17.20 -6.02
N PRO A 50 13.34 16.05 -6.32
CA PRO A 50 12.26 15.52 -5.47
C PRO A 50 12.76 15.25 -4.07
N GLN A 51 11.87 15.36 -3.10
CA GLN A 51 12.23 15.18 -1.71
C GLN A 51 12.63 13.72 -1.47
N LYS A 52 13.74 13.53 -0.76
CA LYS A 52 14.22 12.20 -0.37
C LYS A 52 13.60 11.78 0.93
N MET A 53 13.28 10.50 1.04
CA MET A 53 12.77 9.96 2.28
C MET A 53 13.75 10.20 3.42
N TYR A 54 13.20 10.51 4.59
CA TYR A 54 13.98 10.51 5.81
C TYR A 54 13.25 9.73 6.88
N ALA A 55 13.87 9.61 8.03
CA ALA A 55 13.34 8.80 9.08
C ALA A 55 13.32 9.56 10.41
N THR A 56 12.41 9.17 11.28
CA THR A 56 12.28 9.79 12.59
C THR A 56 12.16 8.68 13.61
N ILE A 57 12.98 8.76 14.64
CA ILE A 57 13.05 7.74 15.67
C ILE A 57 12.54 8.30 16.99
N TYR A 58 11.57 7.60 17.56
CA TYR A 58 10.94 8.01 18.82
C TYR A 58 11.43 7.12 19.96
N GLU A 59 12.00 7.72 21.00
CA GLU A 59 12.38 6.94 22.18
C GLU A 59 11.79 7.52 23.43
N LEU A 60 11.10 6.69 24.21
CA LEU A 60 10.52 7.12 25.48
C LEU A 60 11.62 7.23 26.49
N LYS A 61 11.69 8.38 27.16
CA LYS A 61 12.55 8.52 28.33
C LYS A 61 11.83 8.03 29.60
N GLU A 62 12.59 7.89 30.68
CA GLU A 62 12.03 7.43 31.95
C GLU A 62 10.87 8.31 32.38
N ASP A 63 10.96 9.61 32.08
CA ASP A 63 9.92 10.56 32.47
C ASP A 63 8.75 10.63 31.48
N LYS A 64 8.79 9.81 30.45
CA LYS A 64 7.64 9.60 29.54
C LYS A 64 7.52 10.67 28.44
N SER A 65 8.47 11.58 28.36
CA SER A 65 8.64 12.38 27.16
C SER A 65 9.36 11.55 26.11
N TYR A 66 9.26 11.94 24.84
CA TYR A 66 10.05 11.28 23.78
C TYR A 66 11.28 12.09 23.46
N ASN A 67 12.42 11.43 23.35
CA ASN A 67 13.51 11.91 22.50
C ASN A 67 13.25 11.58 21.04
N VAL A 68 13.20 12.60 20.20
CA VAL A 68 12.82 12.42 18.81
C VAL A 68 13.98 12.83 17.90
N THR A 69 14.47 11.88 17.12
CA THR A 69 15.62 12.14 16.25
C THR A 69 15.23 11.92 14.81
N SER A 70 15.38 12.95 13.99
CA SER A 70 15.16 12.79 12.57
C SER A 70 16.50 12.70 11.86
N VAL A 71 16.58 11.81 10.88
CA VAL A 71 17.83 11.62 10.16
C VAL A 71 17.56 11.75 8.67
N LEU A 72 18.34 12.61 8.02
CA LEU A 72 18.15 12.97 6.63
C LEU A 72 19.49 12.86 5.94
N PHE A 73 19.46 12.46 4.66
CA PHE A 73 20.63 12.46 3.80
C PHE A 73 20.67 13.74 3.00
N ARG A 74 21.69 14.57 3.23
CA ARG A 74 21.78 15.88 2.62
C ARG A 74 23.22 16.20 2.37
N LYS A 75 23.54 16.65 1.15
CA LYS A 75 24.89 17.02 0.78
C LYS A 75 25.88 15.89 1.12
N LYS A 76 25.47 14.68 0.79
CA LYS A 76 26.35 13.50 0.87
C LYS A 76 26.56 13.05 2.32
N LYS A 77 25.85 13.64 3.27
CA LYS A 77 26.03 13.28 4.67
C LYS A 77 24.74 13.01 5.39
N CYS A 78 24.82 12.36 6.55
CA CYS A 78 23.65 12.17 7.39
C CYS A 78 23.56 13.33 8.39
N ASP A 79 22.40 13.98 8.39
CA ASP A 79 22.15 15.13 9.26
C ASP A 79 21.12 14.71 10.29
N TYR A 80 21.36 15.05 11.53
CA TYR A 80 20.49 14.59 12.61
C TYR A 80 19.81 15.79 13.29
N TRP A 81 18.48 15.75 13.42
CA TRP A 81 17.73 16.80 14.12
C TRP A 81 17.11 16.19 15.39
N ILE A 82 17.44 16.73 16.55
CA ILE A 82 17.02 16.14 17.80
C ILE A 82 16.06 17.08 18.52
N ARG A 83 14.96 16.54 19.02
CA ARG A 83 14.14 17.32 19.90
C ARG A 83 13.36 16.45 20.87
N THR A 84 12.59 17.11 21.74
CA THR A 84 11.86 16.46 22.82
C THR A 84 10.38 16.76 22.66
N PHE A 85 9.56 15.72 22.61
CA PHE A 85 8.11 15.86 22.64
C PHE A 85 7.60 15.56 24.07
N VAL A 86 6.97 16.55 24.69
CA VAL A 86 6.45 16.43 26.06
C VAL A 86 4.94 16.15 26.01
N PRO A 87 4.47 15.16 26.77
CA PRO A 87 3.04 14.80 26.76
C PRO A 87 2.17 15.99 27.02
N GLY A 88 1.16 16.19 26.17
CA GLY A 88 0.28 17.34 26.28
C GLY A 88 -1.04 17.03 26.96
N SER A 89 -2.10 17.70 26.50
CA SER A 89 -3.34 17.73 27.23
C SER A 89 -4.09 16.40 27.21
N GLN A 90 -3.81 15.57 26.22
CA GLN A 90 -4.34 14.20 26.26
C GLN A 90 -3.43 13.22 25.55
N PRO A 91 -3.64 11.91 25.81
CA PRO A 91 -2.71 10.93 25.26
C PRO A 91 -2.64 11.02 23.75
N GLY A 92 -1.44 11.10 23.21
CA GLY A 92 -1.25 11.21 21.78
C GLY A 92 -1.00 12.62 21.31
N GLU A 93 -1.08 13.59 22.23
CA GLU A 93 -0.68 14.96 21.96
C GLU A 93 0.60 15.33 22.69
N PHE A 94 1.38 16.20 22.09
CA PHE A 94 2.69 16.62 22.63
C PHE A 94 2.94 18.09 22.35
N THR A 95 3.71 18.70 23.23
CA THR A 95 4.33 20.00 22.98
C THR A 95 5.82 19.76 22.87
N LEU A 96 6.55 20.82 22.49
CA LEU A 96 7.98 20.74 22.22
C LEU A 96 8.77 21.18 23.45
N GLY A 97 9.65 20.33 23.94
CA GLY A 97 10.56 20.68 25.04
C GLY A 97 11.60 21.74 24.69
N ASN A 98 11.91 22.59 25.66
CA ASN A 98 12.94 23.68 25.50
C ASN A 98 12.73 24.59 24.28
N ILE A 99 11.52 25.07 24.13
CA ILE A 99 11.10 25.72 22.92
C ILE A 99 11.95 26.98 22.75
N LYS A 100 12.50 27.48 23.86
CA LYS A 100 13.28 28.71 23.89
C LYS A 100 14.56 28.67 23.06
N SER A 101 15.05 27.48 22.76
CA SER A 101 16.28 27.33 22.01
C SER A 101 16.02 27.34 20.50
N TYR A 102 14.77 27.54 20.10
CA TYR A 102 14.46 27.77 18.70
C TYR A 102 14.00 29.21 18.49
N PRO A 103 14.87 30.04 17.92
CA PRO A 103 14.54 31.45 17.85
C PRO A 103 13.24 31.68 17.06
N GLY A 104 12.31 32.43 17.64
CA GLY A 104 11.14 32.86 16.89
C GLY A 104 9.98 31.89 17.02
N LEU A 105 10.21 30.77 17.70
CA LEU A 105 9.19 29.74 17.82
C LEU A 105 8.39 29.97 19.09
N THR A 106 7.10 30.25 18.96
CA THR A 106 6.26 30.60 20.13
C THR A 106 5.24 29.52 20.43
N SER A 107 5.03 28.61 19.48
CA SER A 107 4.01 27.59 19.67
C SER A 107 4.37 26.35 18.87
N TYR A 108 4.11 25.17 19.43
CA TYR A 108 4.38 23.90 18.74
C TYR A 108 3.48 22.79 19.30
N LEU A 109 2.77 22.10 18.43
CA LEU A 109 1.80 21.10 18.86
C LEU A 109 1.92 19.88 17.95
N VAL A 110 1.88 18.70 18.57
CA VAL A 110 1.87 17.44 17.85
C VAL A 110 0.62 16.66 18.26
N ARG A 111 -0.10 16.13 17.28
CA ARG A 111 -1.22 15.24 17.57
C ARG A 111 -1.13 14.00 16.68
N VAL A 112 -1.03 12.82 17.31
CA VAL A 112 -1.09 11.58 16.56
C VAL A 112 -2.52 11.33 16.11
N VAL A 113 -2.74 11.36 14.81
CA VAL A 113 -4.07 11.29 14.23
C VAL A 113 -4.56 9.85 14.19
N SER A 114 -3.73 8.96 13.69
CA SER A 114 -4.05 7.54 13.60
C SER A 114 -2.77 6.70 13.54
N THR A 115 -2.83 5.48 14.04
CA THR A 115 -1.73 4.52 13.90
C THR A 115 -2.20 3.14 14.28
N ASN A 116 -1.60 2.12 13.66
CA ASN A 116 -1.64 0.77 14.19
C ASN A 116 -0.31 0.30 14.76
N TYR A 117 0.60 1.25 14.98
CA TYR A 117 1.86 1.02 15.70
C TYR A 117 2.92 0.20 14.95
N ASN A 118 2.51 -0.85 14.27
CA ASN A 118 3.49 -1.78 13.70
C ASN A 118 3.60 -1.68 12.16
N GLN A 119 2.83 -0.77 11.56
CA GLN A 119 2.96 -0.50 10.12
C GLN A 119 2.88 0.97 9.73
N HIS A 120 1.88 1.69 10.22
CA HIS A 120 1.62 3.03 9.74
C HIS A 120 1.11 3.99 10.81
N ALA A 121 1.32 5.28 10.57
CA ALA A 121 0.76 6.35 11.38
C ALA A 121 0.58 7.61 10.55
N MET A 122 -0.33 8.48 11.00
CA MET A 122 -0.42 9.86 10.50
C MET A 122 -0.34 10.79 11.69
N VAL A 123 0.52 11.80 11.57
CA VAL A 123 0.75 12.71 12.66
C VAL A 123 0.63 14.13 12.12
N PHE A 124 -0.07 14.96 12.89
CA PHE A 124 -0.30 16.36 12.59
C PHE A 124 0.59 17.23 13.48
N PHE A 125 1.21 18.23 12.86
CA PHE A 125 2.06 19.18 13.57
C PHE A 125 1.62 20.59 13.21
N LYS A 126 1.61 21.46 14.21
CA LYS A 126 1.33 22.87 13.99
C LYS A 126 2.30 23.69 14.81
N LYS A 127 2.90 24.70 14.19
CA LYS A 127 3.78 25.59 14.88
C LYS A 127 3.56 27.05 14.50
N VAL A 128 3.91 27.95 15.40
CA VAL A 128 3.96 29.39 15.08
C VAL A 128 5.40 29.86 15.19
N SER A 129 5.95 30.33 14.07
CA SER A 129 7.36 30.71 13.95
C SER A 129 7.50 32.06 13.24
N GLN A 130 8.16 33.01 13.90
CA GLN A 130 8.10 34.42 13.50
C GLN A 130 6.67 34.87 13.22
N ASN A 131 5.74 34.47 14.09
CA ASN A 131 4.33 34.87 13.99
C ASN A 131 3.58 34.25 12.79
N ARG A 132 4.20 33.34 12.06
CA ARG A 132 3.52 32.68 10.97
C ARG A 132 3.09 31.30 11.40
N GLU A 133 1.88 30.91 11.01
CA GLU A 133 1.35 29.64 11.45
C GLU A 133 1.52 28.57 10.37
N TYR A 134 2.34 27.58 10.68
CA TYR A 134 2.65 26.48 9.75
C TYR A 134 1.98 25.19 10.25
N PHE A 135 1.60 24.33 9.33
CA PHE A 135 1.21 22.99 9.72
C PHE A 135 1.66 21.96 8.68
N LYS A 136 1.87 20.75 9.16
CA LYS A 136 2.21 19.64 8.30
C LYS A 136 1.57 18.36 8.79
N ILE A 137 1.42 17.40 7.89
CA ILE A 137 0.99 16.06 8.25
C ILE A 137 2.01 15.08 7.68
N THR A 138 2.46 14.15 8.51
CA THR A 138 3.35 13.10 8.06
C THR A 138 2.60 11.79 8.01
N LEU A 139 2.83 11.06 6.93
CA LEU A 139 2.46 9.67 6.86
C LEU A 139 3.70 8.84 7.15
N TYR A 140 3.67 8.14 8.27
CA TYR A 140 4.80 7.33 8.72
C TYR A 140 4.55 5.86 8.35
N GLY A 141 5.61 5.18 7.93
CA GLY A 141 5.57 3.73 7.73
C GLY A 141 6.70 3.08 8.50
N ARG A 142 6.48 1.88 9.00
CA ARG A 142 7.58 1.11 9.59
C ARG A 142 8.48 0.54 8.50
N THR A 143 7.93 0.41 7.30
CA THR A 143 8.70 0.15 6.09
C THR A 143 8.63 1.33 5.13
N LYS A 144 9.44 1.30 4.09
CA LYS A 144 9.60 2.44 3.20
C LYS A 144 8.48 2.51 2.16
N GLU A 145 7.71 1.44 2.02
CA GLU A 145 6.55 1.47 1.12
C GLU A 145 5.31 1.29 1.93
N LEU A 146 4.24 1.92 1.51
CA LEU A 146 2.91 1.58 2.05
C LEU A 146 1.93 1.35 0.91
N THR A 147 0.80 0.73 1.24
CA THR A 147 -0.24 0.43 0.25
C THR A 147 -0.80 1.70 -0.37
N SER A 148 -1.30 1.58 -1.59
CA SER A 148 -2.09 2.62 -2.21
C SER A 148 -3.21 3.11 -1.33
N GLU A 149 -3.91 2.19 -0.67
CA GLU A 149 -5.05 2.59 0.13
C GLU A 149 -4.60 3.60 1.20
N LEU A 150 -3.48 3.32 1.86
CA LEU A 150 -3.01 4.18 2.95
C LEU A 150 -2.54 5.53 2.40
N LYS A 151 -1.91 5.52 1.23
CA LYS A 151 -1.49 6.75 0.60
C LYS A 151 -2.69 7.61 0.15
N GLU A 152 -3.70 7.00 -0.45
CA GLU A 152 -4.92 7.71 -0.80
C GLU A 152 -5.66 8.27 0.43
N ASN A 153 -5.67 7.53 1.52
CA ASN A 153 -6.25 8.04 2.73
C ASN A 153 -5.52 9.30 3.24
N PHE A 154 -4.20 9.27 3.15
CA PHE A 154 -3.37 10.41 3.52
C PHE A 154 -3.66 11.60 2.62
N ILE A 155 -3.77 11.37 1.33
CA ILE A 155 -4.13 12.46 0.40
C ILE A 155 -5.52 13.03 0.75
N ARG A 156 -6.48 12.15 1.00
CA ARG A 156 -7.83 12.59 1.36
C ARG A 156 -7.79 13.43 2.65
N PHE A 157 -7.08 12.95 3.65
CA PHE A 157 -6.99 13.67 4.90
C PHE A 157 -6.30 15.04 4.72
N SER A 158 -5.21 15.08 3.97
CA SER A 158 -4.53 16.34 3.68
C SER A 158 -5.43 17.35 2.97
N LYS A 159 -6.19 16.91 1.97
CA LYS A 159 -7.11 17.80 1.27
C LYS A 159 -8.21 18.31 2.20
N SER A 160 -8.65 17.48 3.14
CA SER A 160 -9.70 17.89 4.07
C SER A 160 -9.23 19.02 4.96
N LEU A 161 -7.92 19.16 5.11
CA LEU A 161 -7.36 20.25 5.90
C LEU A 161 -7.01 21.46 5.03
N GLY A 162 -7.42 21.44 3.77
CA GLY A 162 -7.32 22.59 2.89
C GLY A 162 -6.09 22.56 1.99
N LEU A 163 -5.34 21.47 1.97
CA LEU A 163 -4.14 21.43 1.15
C LEU A 163 -4.43 20.86 -0.26
N PRO A 164 -3.98 21.57 -1.30
CA PRO A 164 -4.06 21.04 -2.65
C PRO A 164 -2.93 20.04 -2.93
N GLU A 165 -3.01 19.42 -4.09
CA GLU A 165 -2.17 18.27 -4.41
C GLU A 165 -0.71 18.64 -4.49
N ASN A 166 -0.41 19.84 -4.97
CA ASN A 166 0.97 20.28 -5.03
C ASN A 166 1.60 20.57 -3.65
N HIS A 167 0.83 20.45 -2.58
CA HIS A 167 1.39 20.55 -1.23
C HIS A 167 1.45 19.19 -0.55
N ILE A 168 1.38 18.15 -1.35
CA ILE A 168 1.44 16.79 -0.83
C ILE A 168 2.54 16.06 -1.57
N VAL A 169 3.50 15.49 -0.85
CA VAL A 169 4.65 14.84 -1.49
C VAL A 169 4.88 13.46 -0.92
N PHE A 170 5.42 12.57 -1.75
CA PHE A 170 5.76 11.23 -1.31
C PHE A 170 7.26 11.06 -1.46
N PRO A 171 8.01 11.23 -0.39
CA PRO A 171 9.45 11.22 -0.54
C PRO A 171 9.96 9.92 -1.10
N VAL A 172 10.99 10.01 -1.94
CA VAL A 172 11.53 8.86 -2.64
C VAL A 172 12.38 8.01 -1.69
N PRO A 173 12.09 6.69 -1.59
CA PRO A 173 12.92 5.82 -0.75
C PRO A 173 14.41 5.89 -1.08
N ILE A 174 15.27 5.93 -0.07
CA ILE A 174 16.71 5.84 -0.29
C ILE A 174 17.27 4.86 0.73
N ASP A 175 18.54 4.53 0.60
CA ASP A 175 19.20 3.63 1.55
C ASP A 175 20.20 4.32 2.49
N GLN A 176 20.76 5.46 2.07
CA GLN A 176 21.71 6.18 2.91
C GLN A 176 21.03 6.71 4.18
N CYS A 177 21.72 6.54 5.32
CA CYS A 177 21.38 7.17 6.58
C CYS A 177 20.23 6.53 7.31
N ILE A 178 19.19 6.18 6.56
CA ILE A 178 17.93 5.85 7.20
C ILE A 178 17.74 4.35 7.41
N ASP A 179 18.60 3.56 6.84
CA ASP A 179 18.74 2.19 7.27
C ASP A 179 19.52 2.19 8.57
N ASP B 8 -1.40 24.09 -27.37
CA ASP B 8 -0.40 23.01 -27.10
C ASP B 8 -1.07 21.90 -26.33
N LEU B 9 -0.86 20.67 -26.75
CA LEU B 9 -1.60 19.53 -26.21
C LEU B 9 -0.66 18.53 -25.54
N ILE B 10 -1.10 17.96 -24.44
CA ILE B 10 -0.40 16.82 -23.87
C ILE B 10 -0.47 15.67 -24.85
N PRO B 11 0.67 15.05 -25.14
CA PRO B 11 0.67 14.03 -26.20
C PRO B 11 -0.21 12.82 -25.84
N ALA B 12 -0.85 12.23 -26.84
CA ALA B 12 -1.55 10.97 -26.66
C ALA B 12 -0.55 9.91 -26.23
N PRO B 13 -0.95 9.04 -25.30
CA PRO B 13 -0.03 7.98 -24.87
C PRO B 13 0.11 6.92 -25.95
N PRO B 14 1.25 6.21 -25.97
CA PRO B 14 1.28 5.04 -26.85
C PRO B 14 0.25 4.01 -26.40
N LEU B 15 -0.28 3.27 -27.36
CA LEU B 15 -1.40 2.37 -27.10
C LEU B 15 -0.95 1.25 -26.19
N SER B 16 0.36 1.06 -26.09
CA SER B 16 0.93 0.09 -25.16
C SER B 16 0.69 0.47 -23.69
N LYS B 17 0.37 1.73 -23.41
CA LYS B 17 0.04 2.13 -22.04
C LYS B 17 -1.47 2.06 -21.79
N VAL B 18 -2.22 1.57 -22.75
CA VAL B 18 -3.67 1.53 -22.60
C VAL B 18 -4.11 0.07 -22.66
N PRO B 19 -4.41 -0.52 -21.49
CA PRO B 19 -4.83 -1.92 -21.52
C PRO B 19 -6.15 -2.12 -22.26
N LEU B 20 -6.35 -3.35 -22.73
CA LEU B 20 -7.63 -3.78 -23.30
C LEU B 20 -8.27 -4.82 -22.37
N GLN B 21 -9.52 -4.60 -22.00
CA GLN B 21 -10.26 -5.59 -21.21
C GLN B 21 -10.13 -6.99 -21.85
N GLN B 22 -9.66 -7.96 -21.07
CA GLN B 22 -9.63 -9.36 -21.52
C GLN B 22 -11.06 -9.86 -21.82
N ASN B 23 -11.19 -10.62 -22.90
CA ASN B 23 -12.40 -11.42 -23.15
C ASN B 23 -13.65 -10.54 -23.10
N PHE B 24 -13.60 -9.40 -23.80
CA PHE B 24 -14.67 -8.42 -23.76
C PHE B 24 -16.00 -9.05 -24.19
N GLN B 25 -17.08 -8.74 -23.48
CA GLN B 25 -18.40 -9.33 -23.72
C GLN B 25 -19.40 -8.26 -24.16
N ASP B 26 -19.68 -8.20 -25.46
CA ASP B 26 -20.41 -7.05 -26.01
C ASP B 26 -21.85 -6.97 -25.51
N ASN B 27 -22.47 -8.12 -25.27
CA ASN B 27 -23.85 -8.15 -24.79
C ASN B 27 -23.97 -7.60 -23.36
N GLN B 28 -22.97 -7.89 -22.54
CA GLN B 28 -22.97 -7.46 -21.14
C GLN B 28 -22.69 -5.96 -21.01
N PHE B 29 -22.01 -5.39 -22.00
CA PHE B 29 -21.59 -4.00 -21.96
C PHE B 29 -22.71 -3.01 -22.35
N GLN B 30 -23.73 -3.52 -23.04
CA GLN B 30 -24.72 -2.65 -23.68
C GLN B 30 -25.56 -1.95 -22.63
N GLY B 31 -26.39 -1.01 -23.06
CA GLY B 31 -27.28 -0.30 -22.15
C GLY B 31 -26.73 1.06 -21.77
N LYS B 32 -27.29 1.64 -20.72
CA LYS B 32 -26.97 3.00 -20.33
C LYS B 32 -25.83 3.01 -19.33
N TRP B 33 -24.89 3.92 -19.58
CA TRP B 33 -23.80 4.23 -18.65
C TRP B 33 -23.81 5.73 -18.33
N TYR B 34 -23.60 6.06 -17.06
CA TYR B 34 -23.43 7.46 -16.68
C TYR B 34 -21.95 7.83 -16.71
N VAL B 35 -21.66 9.03 -17.19
CA VAL B 35 -20.27 9.52 -17.18
C VAL B 35 -19.95 10.15 -15.83
N VAL B 36 -19.33 9.33 -14.98
CA VAL B 36 -19.04 9.69 -13.60
C VAL B 36 -17.68 10.39 -13.52
N GLY B 37 -16.80 10.07 -14.47
CA GLY B 37 -15.52 10.75 -14.55
C GLY B 37 -15.11 10.95 -15.99
N LEU B 38 -14.38 12.02 -16.24
CA LEU B 38 -13.95 12.38 -17.59
C LEU B 38 -12.56 13.02 -17.53
N ALA B 39 -11.63 12.54 -18.37
CA ALA B 39 -10.28 13.09 -18.43
C ALA B 39 -9.74 13.08 -19.86
N GLY B 40 -8.87 14.05 -20.18
CA GLY B 40 -8.27 14.09 -21.52
C GLY B 40 -7.43 15.32 -21.78
N ASN B 41 -6.72 15.34 -22.91
CA ASN B 41 -5.82 16.46 -23.19
C ASN B 41 -6.54 17.72 -23.59
N ALA B 42 -7.81 17.63 -23.94
CA ALA B 42 -8.61 18.84 -24.18
C ALA B 42 -9.70 19.02 -23.12
N ILE B 43 -9.65 18.25 -22.04
CA ILE B 43 -10.61 18.41 -20.93
C ILE B 43 -9.96 19.29 -19.88
N LEU B 44 -10.67 20.32 -19.44
CA LEU B 44 -10.17 21.21 -18.40
C LEU B 44 -11.22 21.41 -17.32
N ARG B 45 -10.81 21.33 -16.06
CA ARG B 45 -11.70 21.65 -14.95
C ARG B 45 -12.09 23.12 -15.01
N GLU B 46 -13.40 23.39 -14.89
CA GLU B 46 -13.92 24.75 -14.94
C GLU B 46 -14.82 24.99 -13.73
N ASP B 47 -14.32 25.77 -12.77
CA ASP B 47 -15.00 25.94 -11.48
C ASP B 47 -16.20 26.88 -11.58
N LYS B 48 -16.18 27.78 -12.57
CA LYS B 48 -17.27 28.74 -12.77
C LYS B 48 -18.58 28.03 -13.16
N ASP B 49 -18.53 27.18 -14.19
CA ASP B 49 -19.68 26.35 -14.56
C ASP B 49 -19.27 24.88 -14.71
N PRO B 50 -19.31 24.13 -13.59
CA PRO B 50 -18.85 22.74 -13.59
C PRO B 50 -19.63 21.87 -14.56
N GLN B 51 -18.99 20.82 -15.08
CA GLN B 51 -19.63 19.94 -16.04
C GLN B 51 -20.78 19.16 -15.39
N LYS B 52 -21.91 19.12 -16.08
CA LYS B 52 -23.04 18.31 -15.64
C LYS B 52 -22.89 16.89 -16.15
N MET B 53 -23.30 15.92 -15.35
CA MET B 53 -23.28 14.54 -15.77
C MET B 53 -24.13 14.36 -17.02
N TYR B 54 -23.65 13.52 -17.93
CA TYR B 54 -24.47 13.06 -19.03
C TYR B 54 -24.39 11.54 -19.11
N ALA B 55 -25.15 10.98 -20.04
CA ALA B 55 -25.22 9.53 -20.18
C ALA B 55 -25.02 9.12 -21.61
N THR B 56 -24.57 7.89 -21.79
CA THR B 56 -24.29 7.34 -23.10
C THR B 56 -24.85 5.92 -23.14
N ILE B 57 -25.64 5.65 -24.17
CA ILE B 57 -26.36 4.39 -24.27
C ILE B 57 -25.79 3.59 -25.42
N TYR B 58 -25.35 2.38 -25.10
CA TYR B 58 -24.77 1.48 -26.09
C TYR B 58 -25.82 0.41 -26.45
N GLU B 59 -26.35 0.50 -27.66
CA GLU B 59 -27.34 -0.45 -28.09
C GLU B 59 -26.66 -1.40 -29.05
N LEU B 60 -26.60 -2.67 -28.69
CA LEU B 60 -25.95 -3.68 -29.51
C LEU B 60 -26.91 -4.09 -30.63
N LYS B 61 -26.53 -3.79 -31.88
CA LYS B 61 -27.41 -4.08 -33.00
C LYS B 61 -27.26 -5.52 -33.43
N GLU B 62 -28.19 -5.99 -34.26
CA GLU B 62 -28.16 -7.38 -34.72
C GLU B 62 -26.83 -7.69 -35.40
N ASP B 63 -26.25 -6.70 -36.07
CA ASP B 63 -24.98 -6.89 -36.77
C ASP B 63 -23.75 -6.73 -35.87
N LYS B 64 -23.97 -6.49 -34.58
CA LYS B 64 -22.91 -6.53 -33.56
C LYS B 64 -22.14 -5.22 -33.39
N SER B 65 -22.50 -4.21 -34.19
CA SER B 65 -22.07 -2.84 -33.92
C SER B 65 -22.91 -2.26 -32.82
N TYR B 66 -22.44 -1.18 -32.21
CA TYR B 66 -23.24 -0.44 -31.25
C TYR B 66 -23.80 0.84 -31.89
N ASN B 67 -25.08 1.07 -31.68
CA ASN B 67 -25.61 2.43 -31.77
C ASN B 67 -25.38 3.15 -30.45
N VAL B 68 -24.66 4.27 -30.51
CA VAL B 68 -24.20 4.94 -29.32
C VAL B 68 -24.81 6.34 -29.25
N THR B 69 -25.63 6.55 -28.23
CA THR B 69 -26.38 7.80 -28.09
C THR B 69 -26.00 8.47 -26.80
N SER B 70 -25.48 9.69 -26.90
CA SER B 70 -25.23 10.48 -25.71
C SER B 70 -26.33 11.49 -25.47
N VAL B 71 -26.70 11.63 -24.22
CA VAL B 71 -27.79 12.51 -23.82
C VAL B 71 -27.26 13.48 -22.79
N LEU B 72 -27.41 14.77 -23.08
CA LEU B 72 -26.92 15.82 -22.19
C LEU B 72 -28.00 16.86 -22.04
N PHE B 73 -28.01 17.50 -20.88
CA PHE B 73 -28.89 18.62 -20.57
C PHE B 73 -28.11 19.91 -20.83
N ARG B 74 -28.52 20.69 -21.83
CA ARG B 74 -27.77 21.90 -22.22
C ARG B 74 -28.73 22.96 -22.74
N LYS B 75 -28.50 24.20 -22.35
CA LYS B 75 -29.32 25.33 -22.81
C LYS B 75 -30.80 25.01 -22.62
N LYS B 76 -31.13 24.43 -21.47
CA LYS B 76 -32.53 24.24 -21.07
C LYS B 76 -33.19 23.04 -21.78
N LYS B 77 -32.41 22.27 -22.54
CA LYS B 77 -32.99 21.21 -23.37
C LYS B 77 -32.22 19.90 -23.25
N CYS B 78 -32.83 18.81 -23.72
CA CYS B 78 -32.11 17.55 -23.87
C CYS B 78 -31.47 17.44 -25.26
N ASP B 79 -30.16 17.25 -25.31
CA ASP B 79 -29.43 17.18 -26.58
C ASP B 79 -28.96 15.77 -26.81
N TYR B 80 -29.10 15.29 -28.05
CA TYR B 80 -28.75 13.91 -28.35
C TYR B 80 -27.65 13.86 -29.41
N TRP B 81 -26.59 13.10 -29.13
CA TRP B 81 -25.53 12.85 -30.10
C TRP B 81 -25.46 11.37 -30.42
N ILE B 82 -25.63 11.04 -31.69
CA ILE B 82 -25.71 9.64 -32.11
C ILE B 82 -24.49 9.30 -32.97
N ARG B 83 -23.91 8.13 -32.74
CA ARG B 83 -22.94 7.57 -33.67
C ARG B 83 -22.89 6.06 -33.58
N THR B 84 -22.05 5.46 -34.41
CA THR B 84 -21.96 4.01 -34.50
C THR B 84 -20.53 3.58 -34.14
N PHE B 85 -20.39 2.63 -33.23
CA PHE B 85 -19.11 2.00 -32.97
C PHE B 85 -19.06 0.62 -33.63
N VAL B 86 -18.09 0.45 -34.51
CA VAL B 86 -17.93 -0.80 -35.24
C VAL B 86 -16.82 -1.63 -34.58
N PRO B 87 -17.10 -2.90 -34.27
CA PRO B 87 -16.07 -3.78 -33.71
C PRO B 87 -14.78 -3.77 -34.51
N GLY B 88 -13.67 -3.59 -33.81
CA GLY B 88 -12.36 -3.53 -34.45
C GLY B 88 -11.63 -4.85 -34.41
N SER B 89 -10.30 -4.76 -34.35
CA SER B 89 -9.43 -5.89 -34.59
C SER B 89 -9.60 -6.94 -33.48
N GLN B 90 -9.76 -6.46 -32.25
CA GLN B 90 -9.89 -7.33 -31.08
C GLN B 90 -11.19 -6.98 -30.36
N PRO B 91 -11.83 -7.99 -29.76
CA PRO B 91 -13.01 -7.66 -28.95
C PRO B 91 -12.71 -6.56 -27.92
N GLY B 92 -13.57 -5.56 -27.87
CA GLY B 92 -13.39 -4.43 -26.96
C GLY B 92 -12.78 -3.20 -27.63
N GLU B 93 -12.37 -3.34 -28.89
CA GLU B 93 -11.88 -2.20 -29.67
C GLU B 93 -12.95 -1.81 -30.67
N PHE B 94 -13.06 -0.52 -30.96
CA PHE B 94 -14.05 -0.05 -31.93
C PHE B 94 -13.49 1.07 -32.75
N THR B 95 -13.98 1.13 -33.98
CA THR B 95 -13.77 2.30 -34.83
C THR B 95 -15.12 2.98 -34.98
N LEU B 96 -15.10 4.18 -35.54
CA LEU B 96 -16.28 5.00 -35.69
C LEU B 96 -16.93 4.71 -37.04
N GLY B 97 -18.19 4.31 -37.05
CA GLY B 97 -18.94 4.18 -38.29
C GLY B 97 -19.14 5.53 -38.96
N ASN B 98 -19.06 5.52 -40.28
CA ASN B 98 -19.12 6.76 -41.07
C ASN B 98 -18.24 7.90 -40.53
N ILE B 99 -16.98 7.57 -40.23
CA ILE B 99 -16.00 8.56 -39.84
C ILE B 99 -15.90 9.67 -40.89
N LYS B 100 -16.20 9.32 -42.13
CA LYS B 100 -16.00 10.20 -43.28
C LYS B 100 -16.94 11.40 -43.29
N SER B 101 -18.01 11.32 -42.51
CA SER B 101 -19.00 12.40 -42.47
C SER B 101 -18.67 13.47 -41.44
N TYR B 102 -17.59 13.28 -40.69
CA TYR B 102 -17.19 14.29 -39.69
C TYR B 102 -16.08 15.13 -40.25
N PRO B 103 -16.36 16.39 -40.60
CA PRO B 103 -15.33 17.24 -41.19
C PRO B 103 -14.09 17.33 -40.31
N GLY B 104 -12.91 17.08 -40.88
CA GLY B 104 -11.63 17.26 -40.19
C GLY B 104 -11.12 15.99 -39.51
N LEU B 105 -11.96 14.98 -39.43
CA LEU B 105 -11.67 13.82 -38.61
C LEU B 105 -11.02 12.74 -39.45
N THR B 106 -9.76 12.42 -39.18
CA THR B 106 -9.04 11.50 -40.02
C THR B 106 -8.74 10.19 -39.30
N SER B 107 -8.90 10.17 -37.98
CA SER B 107 -8.59 8.97 -37.20
CA SER B 107 -8.61 8.96 -37.21
C SER B 107 -9.48 8.94 -35.96
N TYR B 108 -9.96 7.76 -35.59
CA TYR B 108 -10.77 7.59 -34.39
C TYR B 108 -10.66 6.17 -33.89
N LEU B 109 -10.44 6.04 -32.59
CA LEU B 109 -10.32 4.72 -31.97
C LEU B 109 -10.99 4.69 -30.58
N VAL B 110 -11.62 3.57 -30.24
CA VAL B 110 -12.16 3.33 -28.91
C VAL B 110 -11.57 2.03 -28.38
N ARG B 111 -11.12 2.04 -27.14
CA ARG B 111 -10.66 0.83 -26.48
C ARG B 111 -11.23 0.76 -25.07
N VAL B 112 -12.01 -0.29 -24.80
CA VAL B 112 -12.50 -0.54 -23.44
C VAL B 112 -11.36 -1.06 -22.60
N VAL B 113 -10.97 -0.27 -21.61
CA VAL B 113 -9.78 -0.56 -20.82
C VAL B 113 -10.04 -1.62 -19.77
N SER B 114 -11.14 -1.43 -19.03
CA SER B 114 -11.55 -2.36 -17.98
C SER B 114 -13.04 -2.18 -17.72
N THR B 115 -13.70 -3.25 -17.32
CA THR B 115 -15.11 -3.18 -16.89
C THR B 115 -15.48 -4.45 -16.15
N ASN B 116 -16.40 -4.33 -15.21
CA ASN B 116 -17.11 -5.49 -14.69
C ASN B 116 -18.58 -5.53 -15.15
N TYR B 117 -18.91 -4.71 -16.15
CA TYR B 117 -20.20 -4.75 -16.87
C TYR B 117 -21.43 -4.24 -16.11
N ASN B 118 -21.55 -4.59 -14.84
CA ASN B 118 -22.77 -4.29 -14.12
C ASN B 118 -22.61 -3.13 -13.12
N GLN B 119 -21.41 -2.55 -13.07
CA GLN B 119 -21.20 -1.39 -12.21
C GLN B 119 -20.38 -0.30 -12.87
N HIS B 120 -19.22 -0.67 -13.41
CA HIS B 120 -18.24 0.32 -13.85
C HIS B 120 -17.43 -0.08 -15.06
N ALA B 121 -16.94 0.93 -15.78
CA ALA B 121 -16.04 0.71 -16.90
C ALA B 121 -15.12 1.93 -17.05
N MET B 122 -13.97 1.71 -17.66
CA MET B 122 -13.15 2.80 -18.17
C MET B 122 -12.94 2.59 -19.64
N VAL B 123 -13.18 3.64 -20.42
CA VAL B 123 -13.02 3.57 -21.86
C VAL B 123 -12.11 4.68 -22.38
N PHE B 124 -11.19 4.29 -23.25
CA PHE B 124 -10.19 5.20 -23.84
C PHE B 124 -10.62 5.52 -25.26
N PHE B 125 -10.54 6.80 -25.60
CA PHE B 125 -10.81 7.31 -26.95
C PHE B 125 -9.63 8.14 -27.45
N LYS B 126 -9.28 7.94 -28.72
CA LYS B 126 -8.25 8.76 -29.36
C LYS B 126 -8.72 9.15 -30.75
N LYS B 127 -8.58 10.42 -31.08
CA LYS B 127 -8.87 10.88 -32.43
C LYS B 127 -7.85 11.87 -32.98
N VAL B 128 -7.79 11.95 -34.31
CA VAL B 128 -7.03 13.00 -34.98
C VAL B 128 -8.02 13.85 -35.75
N SER B 129 -8.08 15.12 -35.37
CA SER B 129 -9.01 16.06 -35.99
C SER B 129 -8.27 17.36 -36.32
N GLN B 130 -8.38 17.76 -37.57
CA GLN B 130 -7.57 18.85 -38.11
C GLN B 130 -6.08 18.68 -37.80
N ASN B 131 -5.59 17.45 -37.97
CA ASN B 131 -4.18 17.12 -37.72
C ASN B 131 -3.74 17.22 -36.27
N ARG B 132 -4.67 17.43 -35.34
CA ARG B 132 -4.34 17.46 -33.93
C ARG B 132 -4.78 16.16 -33.26
N GLU B 133 -3.92 15.63 -32.40
CA GLU B 133 -4.22 14.36 -31.76
C GLU B 133 -4.80 14.56 -30.37
N TYR B 134 -6.06 14.16 -30.20
CA TYR B 134 -6.78 14.27 -28.91
C TYR B 134 -7.01 12.91 -28.29
N PHE B 135 -7.05 12.86 -26.97
CA PHE B 135 -7.50 11.65 -26.30
C PHE B 135 -8.31 11.98 -25.05
N LYS B 136 -9.19 11.05 -24.68
CA LYS B 136 -9.92 11.15 -23.41
C LYS B 136 -10.16 9.78 -22.82
N ILE B 137 -10.42 9.76 -21.51
CA ILE B 137 -10.83 8.56 -20.80
C ILE B 137 -12.14 8.86 -20.11
N THR B 138 -13.12 7.97 -20.26
CA THR B 138 -14.35 8.05 -19.46
C THR B 138 -14.36 6.99 -18.37
N LEU B 139 -14.82 7.40 -17.20
CA LEU B 139 -15.20 6.48 -16.15
C LEU B 139 -16.72 6.37 -16.16
N TYR B 140 -17.20 5.19 -16.52
CA TYR B 140 -18.63 4.92 -16.67
C TYR B 140 -19.13 4.22 -15.41
N GLY B 141 -20.34 4.59 -14.97
CA GLY B 141 -21.02 3.86 -13.91
C GLY B 141 -22.42 3.51 -14.36
N ARG B 142 -22.92 2.36 -13.91
CA ARG B 142 -24.32 2.01 -14.18
C ARG B 142 -25.24 2.86 -13.33
N THR B 143 -24.69 3.39 -12.23
CA THR B 143 -25.39 4.41 -11.43
C THR B 143 -24.60 5.72 -11.45
N LYS B 144 -25.18 6.76 -10.86
CA LYS B 144 -24.60 8.10 -10.92
C LYS B 144 -23.47 8.33 -9.90
N GLU B 145 -23.31 7.43 -8.95
CA GLU B 145 -22.20 7.53 -8.01
C GLU B 145 -21.34 6.28 -8.11
N LEU B 146 -20.04 6.42 -7.91
CA LEU B 146 -19.17 5.26 -7.70
C LEU B 146 -18.30 5.44 -6.45
N THR B 147 -17.69 4.34 -6.00
CA THR B 147 -16.85 4.36 -4.82
C THR B 147 -15.62 5.26 -5.02
N SER B 148 -15.09 5.74 -3.91
CA SER B 148 -13.78 6.40 -3.89
C SER B 148 -12.70 5.54 -4.52
N GLU B 149 -12.70 4.24 -4.23
CA GLU B 149 -11.67 3.34 -4.75
C GLU B 149 -11.65 3.42 -6.29
N LEU B 150 -12.82 3.37 -6.90
CA LEU B 150 -12.91 3.37 -8.38
C LEU B 150 -12.52 4.73 -8.95
N LYS B 151 -12.91 5.79 -8.26
CA LYS B 151 -12.55 7.15 -8.64
C LYS B 151 -11.02 7.37 -8.56
N GLU B 152 -10.40 6.94 -7.46
CA GLU B 152 -8.95 7.02 -7.31
C GLU B 152 -8.21 6.17 -8.33
N ASN B 153 -8.74 5.00 -8.66
CA ASN B 153 -8.16 4.19 -9.72
C ASN B 153 -8.18 4.90 -11.06
N PHE B 154 -9.30 5.58 -11.36
CA PHE B 154 -9.46 6.38 -12.58
C PHE B 154 -8.45 7.53 -12.62
N ILE B 155 -8.29 8.21 -11.48
CA ILE B 155 -7.29 9.28 -11.39
C ILE B 155 -5.88 8.73 -11.63
N ARG B 156 -5.56 7.62 -10.98
CA ARG B 156 -4.25 7.00 -11.14
C ARG B 156 -4.01 6.59 -12.60
N PHE B 157 -5.02 6.00 -13.24
CA PHE B 157 -4.89 5.62 -14.65
C PHE B 157 -4.70 6.85 -15.53
N SER B 158 -5.50 7.89 -15.31
CA SER B 158 -5.39 9.12 -16.08
C SER B 158 -3.99 9.75 -15.97
N LYS B 159 -3.47 9.81 -14.75
CA LYS B 159 -2.13 10.35 -14.56
C LYS B 159 -1.07 9.48 -15.22
N SER B 160 -1.27 8.16 -15.26
CA SER B 160 -0.30 7.27 -15.91
C SER B 160 -0.23 7.54 -17.42
N LEU B 161 -1.27 8.15 -17.97
CA LEU B 161 -1.28 8.53 -19.38
C LEU B 161 -0.82 9.97 -19.59
N GLY B 162 -0.30 10.60 -18.54
CA GLY B 162 0.36 11.90 -18.63
C GLY B 162 -0.54 13.09 -18.28
N LEU B 163 -1.75 12.84 -17.82
CA LEU B 163 -2.69 13.93 -17.55
C LEU B 163 -2.57 14.42 -16.11
N PRO B 164 -2.45 15.74 -15.92
CA PRO B 164 -2.47 16.32 -14.59
C PRO B 164 -3.89 16.48 -14.09
N GLU B 165 -4.02 16.88 -12.84
CA GLU B 165 -5.28 16.83 -12.12
C GLU B 165 -6.30 17.77 -12.72
N ASN B 166 -5.85 18.93 -13.16
CA ASN B 166 -6.77 19.89 -13.77
C ASN B 166 -7.34 19.44 -15.14
N HIS B 167 -6.89 18.29 -15.64
CA HIS B 167 -7.46 17.68 -16.85
C HIS B 167 -8.35 16.47 -16.51
N ILE B 168 -8.72 16.36 -15.24
CA ILE B 168 -9.55 15.26 -14.77
C ILE B 168 -10.77 15.86 -14.07
N VAL B 169 -11.96 15.49 -14.52
CA VAL B 169 -13.20 16.10 -14.07
C VAL B 169 -14.20 15.03 -13.62
N PHE B 170 -15.02 15.36 -12.62
CA PHE B 170 -16.05 14.45 -12.14
C PHE B 170 -17.42 15.11 -12.27
N PRO B 171 -18.16 14.79 -13.33
CA PRO B 171 -19.36 15.57 -13.61
C PRO B 171 -20.42 15.46 -12.51
N VAL B 172 -21.12 16.56 -12.27
CA VAL B 172 -22.12 16.62 -11.18
C VAL B 172 -23.40 15.87 -11.57
N PRO B 173 -23.85 14.91 -10.75
CA PRO B 173 -25.11 14.20 -11.04
C PRO B 173 -26.31 15.16 -11.21
N ILE B 174 -27.16 14.88 -12.19
CA ILE B 174 -28.42 15.62 -12.36
C ILE B 174 -29.56 14.66 -12.68
N ASP B 175 -30.78 15.16 -12.73
CA ASP B 175 -31.95 14.33 -13.03
C ASP B 175 -32.56 14.56 -14.41
N GLN B 176 -32.39 15.77 -14.97
CA GLN B 176 -32.93 16.08 -16.28
C GLN B 176 -32.26 15.25 -17.38
N CYS B 177 -33.09 14.71 -18.27
CA CYS B 177 -32.66 14.10 -19.53
C CYS B 177 -32.06 12.70 -19.36
N ILE B 178 -31.21 12.52 -18.37
CA ILE B 178 -30.35 11.35 -18.37
C ILE B 178 -31.01 10.15 -17.70
N ASP B 179 -32.21 10.34 -17.17
CA ASP B 179 -33.12 9.25 -16.83
C ASP B 179 -34.39 9.33 -17.67
N SER C 5 18.47 -39.54 7.53
CA SER C 5 19.55 -39.21 8.54
C SER C 5 20.95 -39.38 7.93
N THR C 6 21.03 -40.19 6.88
CA THR C 6 22.21 -40.23 6.01
C THR C 6 21.88 -39.77 4.59
N SER C 7 20.62 -39.42 4.31
CA SER C 7 20.18 -39.28 2.93
C SER C 7 20.54 -37.92 2.32
N ASP C 8 20.58 -37.88 1.00
CA ASP C 8 20.94 -36.69 0.24
C ASP C 8 19.94 -35.57 0.55
N LEU C 9 20.35 -34.31 0.46
CA LEU C 9 19.49 -33.18 0.82
C LEU C 9 19.43 -32.13 -0.26
N ILE C 10 18.26 -31.51 -0.44
CA ILE C 10 18.15 -30.33 -1.27
C ILE C 10 18.98 -29.25 -0.60
N PRO C 11 19.83 -28.56 -1.39
CA PRO C 11 20.76 -27.63 -0.77
C PRO C 11 20.06 -26.45 -0.16
N ALA C 12 20.59 -25.94 0.95
CA ALA C 12 20.11 -24.66 1.47
C ALA C 12 20.28 -23.59 0.40
N PRO C 13 19.32 -22.65 0.31
CA PRO C 13 19.44 -21.57 -0.68
C PRO C 13 20.50 -20.57 -0.24
N PRO C 14 21.08 -19.81 -1.18
CA PRO C 14 21.88 -18.71 -0.72
C PRO C 14 21.03 -17.68 0.02
N LEU C 15 21.61 -17.06 1.03
CA LEU C 15 20.88 -16.17 1.91
C LEU C 15 20.38 -14.97 1.10
N SER C 16 20.98 -14.74 -0.06
CA SER C 16 20.52 -13.67 -0.94
C SER C 16 19.12 -13.92 -1.50
N LYS C 17 18.66 -15.16 -1.45
CA LYS C 17 17.26 -15.46 -1.85
C LYS C 17 16.27 -15.41 -0.70
N VAL C 18 16.72 -15.03 0.49
CA VAL C 18 15.87 -15.07 1.68
C VAL C 18 15.77 -13.64 2.23
N PRO C 19 14.66 -12.99 1.95
CA PRO C 19 14.55 -11.62 2.41
C PRO C 19 14.51 -11.53 3.95
N LEU C 20 14.87 -10.34 4.44
CA LEU C 20 14.70 -9.99 5.82
C LEU C 20 13.65 -8.90 5.97
N GLN C 21 12.71 -9.10 6.87
CA GLN C 21 11.71 -8.08 7.19
C GLN C 21 12.36 -6.76 7.52
N GLN C 22 12.00 -5.72 6.77
CA GLN C 22 12.52 -4.37 6.99
C GLN C 22 12.07 -3.83 8.36
N ASN C 23 13.00 -3.18 9.09
CA ASN C 23 12.69 -2.48 10.36
C ASN C 23 11.92 -3.42 11.32
N PHE C 24 12.47 -4.60 11.54
CA PHE C 24 11.84 -5.59 12.39
C PHE C 24 11.56 -5.05 13.79
N GLN C 25 10.35 -5.30 14.29
CA GLN C 25 9.92 -4.81 15.61
C GLN C 25 9.79 -5.94 16.61
N ASP C 26 10.78 -6.08 17.48
CA ASP C 26 10.87 -7.30 18.30
C ASP C 26 9.72 -7.39 19.30
N ASN C 27 9.23 -6.24 19.77
CA ASN C 27 8.13 -6.18 20.72
C ASN C 27 6.80 -6.62 20.09
N GLN C 28 6.58 -6.25 18.84
CA GLN C 28 5.37 -6.60 18.12
C GLN C 28 5.32 -8.07 17.68
N PHE C 29 6.48 -8.70 17.55
CA PHE C 29 6.55 -10.08 17.12
C PHE C 29 6.29 -11.09 18.22
N GLN C 30 6.31 -10.65 19.47
CA GLN C 30 6.22 -11.57 20.56
C GLN C 30 4.83 -12.16 20.71
N GLY C 31 4.73 -13.21 21.52
CA GLY C 31 3.47 -13.91 21.73
C GLY C 31 3.44 -15.23 20.97
N LYS C 32 2.23 -15.78 20.85
CA LYS C 32 2.03 -17.10 20.30
C LYS C 32 1.79 -17.03 18.81
N TRP C 33 2.47 -17.91 18.11
CA TRP C 33 2.20 -18.11 16.70
C TRP C 33 1.90 -19.59 16.44
N TYR C 34 0.87 -19.86 15.65
CA TYR C 34 0.61 -21.22 15.21
C TYR C 34 1.35 -21.52 13.91
N VAL C 35 1.86 -22.74 13.79
CA VAL C 35 2.51 -23.17 12.55
C VAL C 35 1.46 -23.68 11.54
N VAL C 36 1.06 -22.78 10.65
CA VAL C 36 0.01 -23.03 9.68
C VAL C 36 0.58 -23.66 8.41
N GLY C 37 1.85 -23.40 8.15
CA GLY C 37 2.55 -24.02 7.03
C GLY C 37 3.98 -24.31 7.42
N LEU C 38 4.53 -25.37 6.85
CA LEU C 38 5.91 -25.77 7.13
C LEU C 38 6.52 -26.37 5.85
N ALA C 39 7.72 -25.95 5.52
CA ALA C 39 8.45 -26.48 4.38
C ALA C 39 9.95 -26.57 4.70
N GLY C 40 10.64 -27.53 4.09
CA GLY C 40 12.08 -27.64 4.28
C GLY C 40 12.68 -28.87 3.66
N ASN C 41 14.02 -28.95 3.65
CA ASN C 41 14.67 -30.04 2.99
C ASN C 41 14.56 -31.34 3.72
N ALA C 42 14.16 -31.31 4.99
CA ALA C 42 13.87 -32.55 5.73
C ALA C 42 12.38 -32.69 6.10
N ILE C 43 11.53 -31.90 5.47
CA ILE C 43 10.10 -32.02 5.64
C ILE C 43 9.53 -32.77 4.45
N LEU C 44 8.75 -33.79 4.72
CA LEU C 44 8.11 -34.58 3.67
C LEU C 44 6.63 -34.74 3.98
N ARG C 45 5.80 -34.54 2.96
CA ARG C 45 4.37 -34.82 3.12
C ARG C 45 4.16 -36.28 3.47
N GLU C 46 3.33 -36.55 4.47
CA GLU C 46 2.96 -37.92 4.81
C GLU C 46 1.44 -38.05 4.88
N ASP C 47 0.86 -38.69 3.87
CA ASP C 47 -0.60 -38.79 3.82
C ASP C 47 -1.14 -39.80 4.83
N LYS C 48 -0.34 -40.78 5.20
CA LYS C 48 -0.73 -41.78 6.19
C LYS C 48 -0.96 -41.20 7.60
N ASP C 49 -0.01 -40.42 8.11
CA ASP C 49 -0.19 -39.70 9.36
C ASP C 49 0.20 -38.22 9.24
N PRO C 50 -0.75 -37.36 8.86
CA PRO C 50 -0.48 -35.98 8.51
C PRO C 50 0.14 -35.18 9.66
N GLN C 51 0.98 -34.20 9.34
CA GLN C 51 1.63 -33.41 10.37
C GLN C 51 0.57 -32.63 11.16
N LYS C 52 0.69 -32.64 12.49
CA LYS C 52 -0.22 -31.88 13.34
C LYS C 52 0.31 -30.51 13.61
N MET C 53 -0.59 -29.54 13.68
CA MET C 53 -0.23 -28.17 13.99
C MET C 53 0.46 -28.11 15.35
N TYR C 54 1.49 -27.28 15.45
CA TYR C 54 2.05 -26.93 16.73
C TYR C 54 2.17 -25.44 16.85
N ALA C 55 2.63 -24.98 18.00
CA ALA C 55 2.74 -23.55 18.27
C ALA C 55 4.09 -23.19 18.86
N THR C 56 4.49 -21.94 18.64
CA THR C 56 5.76 -21.43 19.14
C THR C 56 5.51 -20.06 19.76
N ILE C 57 5.94 -19.89 21.00
CA ILE C 57 5.66 -18.68 21.77
C ILE C 57 6.98 -17.94 21.97
N TYR C 58 6.98 -16.70 21.56
CA TYR C 58 8.16 -15.83 21.66
C TYR C 58 7.96 -14.84 22.80
N GLU C 59 8.82 -14.88 23.80
CA GLU C 59 8.77 -13.89 24.86
C GLU C 59 10.06 -13.09 24.91
N LEU C 60 9.91 -11.77 24.79
CA LEU C 60 11.04 -10.88 24.70
C LEU C 60 11.57 -10.61 26.09
N LYS C 61 12.84 -10.92 26.33
CA LYS C 61 13.41 -10.68 27.66
C LYS C 61 13.99 -9.27 27.78
N GLU C 62 14.31 -8.85 29.01
CA GLU C 62 14.87 -7.53 29.25
C GLU C 62 16.12 -7.32 28.43
N ASP C 63 16.90 -8.38 28.25
CA ASP C 63 18.14 -8.30 27.50
C ASP C 63 17.97 -8.43 25.98
N LYS C 64 16.73 -8.52 25.52
CA LYS C 64 16.35 -8.39 24.11
C LYS C 64 16.48 -9.68 23.33
N SER C 65 16.91 -10.74 24.01
CA SER C 65 16.81 -12.09 23.45
C SER C 65 15.37 -12.56 23.65
N TYR C 66 14.96 -13.59 22.90
CA TYR C 66 13.66 -14.23 23.11
C TYR C 66 13.87 -15.54 23.86
N ASN C 67 13.01 -15.79 24.84
CA ASN C 67 12.71 -17.14 25.28
C ASN C 67 11.64 -17.73 24.37
N VAL C 68 11.98 -18.84 23.73
CA VAL C 68 11.12 -19.40 22.68
C VAL C 68 10.66 -20.78 23.12
N THR C 69 9.35 -20.99 23.18
CA THR C 69 8.77 -22.27 23.59
C THR C 69 7.94 -22.83 22.47
N SER C 70 8.32 -24.01 21.99
CA SER C 70 7.44 -24.73 21.07
C SER C 70 6.68 -25.82 21.80
N VAL C 71 5.41 -25.95 21.44
CA VAL C 71 4.52 -26.89 22.06
C VAL C 71 3.92 -27.78 20.98
N LEU C 72 4.10 -29.09 21.14
CA LEU C 72 3.61 -30.07 20.17
C LEU C 72 2.86 -31.14 20.89
N PHE C 73 1.83 -31.70 20.24
CA PHE C 73 1.14 -32.88 20.72
C PHE C 73 1.74 -34.09 20.01
N ARG C 74 2.39 -34.95 20.78
CA ARG C 74 3.15 -36.03 20.22
C ARG C 74 3.12 -37.22 21.16
N LYS C 75 2.77 -38.39 20.62
CA LYS C 75 2.73 -39.60 21.40
C LYS C 75 1.82 -39.42 22.60
N LYS C 76 0.68 -38.77 22.41
CA LYS C 76 -0.35 -38.65 23.45
C LYS C 76 0.05 -37.67 24.56
N LYS C 77 1.15 -36.93 24.36
CA LYS C 77 1.62 -36.01 25.37
C LYS C 77 1.87 -34.65 24.81
N CYS C 78 1.95 -33.65 25.69
CA CYS C 78 2.38 -32.31 25.27
C CYS C 78 3.89 -32.23 25.43
N ASP C 79 4.59 -31.93 24.35
CA ASP C 79 6.05 -31.84 24.35
C ASP C 79 6.43 -30.39 24.23
N TYR C 80 7.38 -29.96 25.05
CA TYR C 80 7.79 -28.58 25.06
C TYR C 80 9.26 -28.50 24.76
N TRP C 81 9.63 -27.59 23.88
CA TRP C 81 11.02 -27.25 23.65
C TRP C 81 11.22 -25.80 23.98
N ILE C 82 12.11 -25.53 24.92
CA ILE C 82 12.38 -24.17 25.34
C ILE C 82 13.80 -23.84 24.98
N ARG C 83 13.99 -22.77 24.22
CA ARG C 83 15.32 -22.32 23.83
C ARG C 83 15.39 -20.82 23.79
N THR C 84 16.59 -20.30 23.52
CA THR C 84 16.83 -18.87 23.53
C THR C 84 17.31 -18.44 22.14
N PHE C 85 16.64 -17.44 21.57
CA PHE C 85 17.07 -16.80 20.33
C PHE C 85 17.77 -15.47 20.66
N VAL C 86 19.05 -15.36 20.31
CA VAL C 86 19.86 -14.20 20.59
C VAL C 86 19.90 -13.35 19.32
N PRO C 87 19.70 -12.04 19.45
CA PRO C 87 19.69 -11.16 18.30
C PRO C 87 20.96 -11.31 17.50
N GLY C 88 20.81 -11.51 16.20
CA GLY C 88 21.95 -11.73 15.31
C GLY C 88 22.43 -10.43 14.67
N SER C 89 22.99 -10.54 13.48
CA SER C 89 23.77 -9.45 12.94
C SER C 89 22.88 -8.29 12.51
N GLN C 90 21.64 -8.58 12.12
CA GLN C 90 20.66 -7.54 11.72
C GLN C 90 19.33 -7.77 12.46
N PRO C 91 18.58 -6.70 12.72
CA PRO C 91 17.28 -6.89 13.36
C PRO C 91 16.39 -7.86 12.58
N GLY C 92 15.82 -8.83 13.29
CA GLY C 92 15.02 -9.88 12.69
C GLY C 92 15.76 -11.16 12.47
N GLU C 93 17.06 -11.16 12.72
CA GLU C 93 17.85 -12.38 12.66
C GLU C 93 18.21 -12.78 14.09
N PHE C 94 18.36 -14.08 14.27
CA PHE C 94 18.72 -14.64 15.57
C PHE C 94 19.65 -15.80 15.42
N THR C 95 20.49 -15.98 16.44
CA THR C 95 21.24 -17.19 16.61
C THR C 95 20.70 -17.92 17.85
N LEU C 96 21.12 -19.16 18.03
CA LEU C 96 20.61 -19.98 19.13
C LEU C 96 21.51 -19.82 20.32
N GLY C 97 20.96 -19.44 21.46
CA GLY C 97 21.74 -19.39 22.70
C GLY C 97 22.23 -20.76 23.15
N ASN C 98 23.40 -20.75 23.77
CA ASN C 98 24.05 -21.93 24.37
CA ASN C 98 24.00 -21.94 24.39
C ASN C 98 24.13 -23.10 23.41
N ILE C 99 24.64 -22.84 22.21
CA ILE C 99 24.54 -23.83 21.14
C ILE C 99 25.33 -25.09 21.54
N LYS C 100 26.32 -24.92 22.40
CA LYS C 100 27.21 -26.01 22.79
C LYS C 100 26.48 -27.12 23.56
N SER C 101 25.32 -26.82 24.14
CA SER C 101 24.56 -27.81 24.87
C SER C 101 23.66 -28.65 23.95
N TYR C 102 23.71 -28.42 22.64
CA TYR C 102 22.99 -29.27 21.71
C TYR C 102 23.97 -30.15 20.94
N PRO C 103 24.05 -31.44 21.30
CA PRO C 103 25.06 -32.29 20.68
C PRO C 103 24.95 -32.32 19.16
N GLY C 104 26.07 -32.09 18.47
CA GLY C 104 26.10 -32.26 17.03
C GLY C 104 25.74 -30.99 16.28
N LEU C 105 25.30 -29.95 17.01
CA LEU C 105 24.75 -28.77 16.35
C LEU C 105 25.84 -27.73 16.28
N THR C 106 26.24 -27.34 15.07
CA THR C 106 27.38 -26.42 14.95
C THR C 106 26.94 -25.05 14.47
N SER C 107 25.72 -24.94 13.95
CA SER C 107 25.27 -23.68 13.41
C SER C 107 23.74 -23.63 13.50
N TYR C 108 23.20 -22.43 13.78
CA TYR C 108 21.78 -22.23 13.84
C TYR C 108 21.44 -20.77 13.53
N LEU C 109 20.54 -20.56 12.60
CA LEU C 109 20.23 -19.19 12.17
C LEU C 109 18.73 -19.09 11.98
N VAL C 110 18.17 -17.98 12.42
CA VAL C 110 16.78 -17.64 12.23
C VAL C 110 16.72 -16.29 11.51
N ARG C 111 15.91 -16.21 10.46
CA ARG C 111 15.67 -14.94 9.78
C ARG C 111 14.18 -14.73 9.55
N VAL C 112 13.61 -13.67 10.14
CA VAL C 112 12.22 -13.34 9.89
C VAL C 112 12.10 -12.70 8.51
N VAL C 113 11.42 -13.40 7.61
CA VAL C 113 11.36 -13.03 6.21
C VAL C 113 10.36 -11.89 5.99
N SER C 114 9.16 -12.06 6.54
CA SER C 114 8.08 -11.09 6.39
C SER C 114 7.06 -11.32 7.51
N THR C 115 6.43 -10.24 7.96
CA THR C 115 5.37 -10.34 8.94
C THR C 115 4.60 -9.06 8.96
N ASN C 116 3.31 -9.12 9.27
CA ASN C 116 2.56 -7.96 9.69
C ASN C 116 2.23 -7.94 11.18
N TYR C 117 2.88 -8.83 11.93
CA TYR C 117 2.81 -8.86 13.40
C TYR C 117 1.47 -9.32 14.02
N ASN C 118 0.33 -8.86 13.52
CA ASN C 118 -0.95 -9.18 14.16
CA ASN C 118 -0.93 -9.20 14.18
C ASN C 118 -1.72 -10.30 13.46
N GLN C 119 -1.17 -10.82 12.36
CA GLN C 119 -1.87 -11.89 11.62
C GLN C 119 -0.94 -13.03 11.16
N HIS C 120 0.16 -12.68 10.47
CA HIS C 120 0.98 -13.70 9.84
C HIS C 120 2.46 -13.34 9.83
N ALA C 121 3.29 -14.37 9.69
CA ALA C 121 4.74 -14.22 9.48
C ALA C 121 5.28 -15.40 8.69
N MET C 122 6.42 -15.18 8.02
CA MET C 122 7.19 -16.28 7.48
C MET C 122 8.58 -16.16 8.06
N VAL C 123 9.09 -17.28 8.55
CA VAL C 123 10.39 -17.32 9.20
C VAL C 123 11.23 -18.44 8.59
N PHE C 124 12.48 -18.10 8.28
CA PHE C 124 13.44 -19.01 7.72
C PHE C 124 14.40 -19.46 8.81
N PHE C 125 14.67 -20.77 8.87
CA PHE C 125 15.62 -21.37 9.78
C PHE C 125 16.63 -22.23 9.01
N LYS C 126 17.88 -22.14 9.43
CA LYS C 126 18.91 -22.94 8.85
C LYS C 126 19.78 -23.46 9.98
N LYS C 127 20.04 -24.76 9.99
CA LYS C 127 20.98 -25.33 10.95
C LYS C 127 21.92 -26.30 10.34
N VAL C 128 23.06 -26.49 10.97
CA VAL C 128 23.99 -27.53 10.60
C VAL C 128 24.09 -28.49 11.76
N SER C 129 23.67 -29.72 11.52
CA SER C 129 23.62 -30.75 12.53
C SER C 129 24.28 -32.01 11.98
N GLN C 130 25.28 -32.52 12.71
CA GLN C 130 26.14 -33.56 12.20
C GLN C 130 26.68 -33.22 10.81
N ASN C 131 27.11 -31.98 10.62
CA ASN C 131 27.64 -31.51 9.34
C ASN C 131 26.66 -31.54 8.18
N ARG C 132 25.38 -31.77 8.46
CA ARG C 132 24.37 -31.71 7.42
C ARG C 132 23.62 -30.43 7.55
N GLU C 133 23.37 -29.79 6.42
CA GLU C 133 22.72 -28.49 6.42
C GLU C 133 21.22 -28.59 6.13
N TYR C 134 20.42 -28.28 7.13
CA TYR C 134 18.98 -28.33 7.07
C TYR C 134 18.42 -26.93 7.03
N PHE C 135 17.34 -26.75 6.31
CA PHE C 135 16.60 -25.51 6.36
C PHE C 135 15.10 -25.75 6.33
N LYS C 136 14.37 -24.85 6.98
CA LYS C 136 12.93 -24.89 6.95
C LYS C 136 12.36 -23.49 6.91
N ILE C 137 11.14 -23.39 6.42
CA ILE C 137 10.40 -22.13 6.45
C ILE C 137 9.09 -22.41 7.15
N THR C 138 8.73 -21.55 8.11
CA THR C 138 7.45 -21.64 8.76
C THR C 138 6.55 -20.52 8.30
N LEU C 139 5.29 -20.87 8.06
CA LEU C 139 4.25 -19.89 7.92
C LEU C 139 3.49 -19.85 9.25
N TYR C 140 3.60 -18.72 9.92
CA TYR C 140 3.01 -18.53 11.25
C TYR C 140 1.69 -17.76 11.12
N GLY C 141 0.70 -18.12 11.91
CA GLY C 141 -0.53 -17.35 12.04
C GLY C 141 -0.84 -17.06 13.48
N ARG C 142 -1.49 -15.92 13.74
CA ARG C 142 -1.96 -15.65 15.11
C ARG C 142 -3.16 -16.52 15.45
N THR C 143 -3.87 -16.95 14.42
CA THR C 143 -4.91 -17.95 14.55
C THR C 143 -4.50 -19.23 13.79
N LYS C 144 -5.32 -20.28 13.93
CA LYS C 144 -5.00 -21.56 13.33
C LYS C 144 -5.30 -21.61 11.82
N GLU C 145 -5.97 -20.59 11.30
CA GLU C 145 -6.24 -20.53 9.85
C GLU C 145 -5.63 -19.30 9.20
N LEU C 146 -5.20 -19.41 7.95
CA LEU C 146 -4.90 -18.20 7.15
C LEU C 146 -5.53 -18.28 5.74
N THR C 147 -5.59 -17.13 5.08
CA THR C 147 -6.20 -17.04 3.79
C THR C 147 -5.44 -17.93 2.77
N SER C 148 -6.15 -18.29 1.73
CA SER C 148 -5.56 -18.90 0.55
C SER C 148 -4.41 -18.10 -0.02
N GLU C 149 -4.54 -16.78 -0.03
CA GLU C 149 -3.51 -15.93 -0.62
C GLU C 149 -2.21 -16.08 0.11
N LEU C 150 -2.28 -16.10 1.42
CA LEU C 150 -1.08 -16.18 2.23
C LEU C 150 -0.46 -17.56 2.10
N LYS C 151 -1.30 -18.58 1.99
CA LYS C 151 -0.78 -19.91 1.77
C LYS C 151 -0.10 -20.08 0.42
N GLU C 152 -0.72 -19.57 -0.65
CA GLU C 152 -0.10 -19.58 -1.96
C GLU C 152 1.19 -18.78 -2.02
N ASN C 153 1.24 -17.64 -1.32
CA ASN C 153 2.49 -16.87 -1.19
CA ASN C 153 2.49 -16.88 -1.21
C ASN C 153 3.60 -17.67 -0.54
N PHE C 154 3.26 -18.41 0.52
CA PHE C 154 4.18 -19.30 1.19
C PHE C 154 4.67 -20.41 0.26
N ILE C 155 3.77 -21.02 -0.50
CA ILE C 155 4.17 -22.06 -1.45
C ILE C 155 5.12 -21.48 -2.50
N ARG C 156 4.77 -20.34 -3.05
CA ARG C 156 5.62 -19.68 -4.04
C ARG C 156 7.01 -19.38 -3.46
N PHE C 157 7.06 -18.89 -2.23
CA PHE C 157 8.35 -18.61 -1.59
C PHE C 157 9.16 -19.90 -1.36
N SER C 158 8.51 -20.93 -0.86
CA SER C 158 9.20 -22.20 -0.64
C SER C 158 9.79 -22.75 -1.95
N LYS C 159 9.01 -22.72 -3.02
CA LYS C 159 9.54 -23.16 -4.31
C LYS C 159 10.68 -22.30 -4.82
N SER C 160 10.65 -21.00 -4.54
CA SER C 160 11.74 -20.13 -4.97
C SER C 160 13.05 -20.51 -4.26
N LEU C 161 12.95 -21.19 -3.12
CA LEU C 161 14.15 -21.68 -2.43
C LEU C 161 14.56 -23.09 -2.86
N GLY C 162 13.88 -23.63 -3.87
CA GLY C 162 14.25 -24.90 -4.48
C GLY C 162 13.51 -26.10 -3.89
N LEU C 163 12.46 -25.86 -3.11
CA LEU C 163 11.70 -26.99 -2.55
C LEU C 163 10.54 -27.37 -3.48
N PRO C 164 10.41 -28.68 -3.77
CA PRO C 164 9.26 -29.16 -4.49
C PRO C 164 8.06 -29.30 -3.57
N GLU C 165 6.91 -29.59 -4.17
CA GLU C 165 5.62 -29.47 -3.49
C GLU C 165 5.51 -30.51 -2.38
N ASN C 166 6.13 -31.66 -2.57
CA ASN C 166 6.11 -32.68 -1.54
C ASN C 166 6.95 -32.36 -0.30
N HIS C 167 7.68 -31.24 -0.31
CA HIS C 167 8.41 -30.77 0.87
C HIS C 167 7.71 -29.59 1.55
N ILE C 168 6.45 -29.39 1.20
CA ILE C 168 5.66 -28.30 1.73
C ILE C 168 4.40 -28.90 2.34
N VAL C 169 4.16 -28.61 3.61
CA VAL C 169 3.06 -29.21 4.35
C VAL C 169 2.24 -28.14 5.07
N PHE C 170 0.95 -28.41 5.25
CA PHE C 170 0.07 -27.53 6.00
C PHE C 170 -0.47 -28.32 7.21
N PRO C 171 0.11 -28.10 8.39
CA PRO C 171 -0.27 -28.94 9.52
C PRO C 171 -1.74 -28.80 9.84
N VAL C 172 -2.37 -29.90 10.21
CA VAL C 172 -3.81 -29.91 10.49
C VAL C 172 -4.05 -29.30 11.88
N PRO C 173 -4.99 -28.34 11.98
CA PRO C 173 -5.30 -27.71 13.27
C PRO C 173 -5.71 -28.76 14.28
N ILE C 174 -5.27 -28.61 15.53
CA ILE C 174 -5.74 -29.45 16.62
C ILE C 174 -6.02 -28.58 17.84
N ASP C 175 -6.61 -29.16 18.88
CA ASP C 175 -6.88 -28.45 20.11
C ASP C 175 -5.99 -28.84 21.30
N GLN C 176 -5.46 -30.07 21.29
CA GLN C 176 -4.58 -30.51 22.37
C GLN C 176 -3.30 -29.68 22.42
N CYS C 177 -2.93 -29.29 23.63
CA CYS C 177 -1.64 -28.69 23.97
C CYS C 177 -1.45 -27.23 23.52
N ILE C 178 -1.87 -26.91 22.30
CA ILE C 178 -1.38 -25.70 21.66
C ILE C 178 -2.23 -24.49 21.97
N ASP C 179 -3.34 -24.74 22.60
CA ASP C 179 -4.20 -23.68 23.07
C ASP C 179 -3.96 -23.42 24.54
PU 4PU D . 10.44 21.30 12.17
C15 4OZ E . 10.12 27.58 6.32
C25 4OZ E . 9.10 21.02 6.78
O26 4OZ E . 9.61 19.90 6.79
OG 4OZ E . 9.58 22.04 5.86
CB 4OZ E . 9.06 23.37 5.94
CA 4OZ E . 9.34 23.98 7.31
N 4OZ E . 8.57 23.31 8.36
C 4OZ E . 9.20 25.49 7.36
O 4OZ E . 9.42 26.33 6.19
OXT 4OZ E . 8.91 26.07 8.39
C34 4OZ E . 7.23 23.24 8.50
C35 4OZ E . 6.72 22.63 9.76
C36 4OZ E . 5.38 22.70 10.07
C37 4OZ E . 4.94 22.16 11.25
C38 4OZ E . 5.82 21.55 12.14
C39 4OZ E . 7.17 21.50 11.84
C40 4OZ E . 7.61 22.05 10.65
O48 4OZ E . 6.40 23.68 7.71
O50 4OZ E . 8.92 22.02 10.37
O51 4OZ E . 8.04 20.91 12.71
C1 GOL F . -1.52 27.65 -3.53
O1 GOL F . -2.62 26.81 -3.18
C2 GOL F . -0.35 26.82 -4.07
O2 GOL F . -0.83 26.00 -5.13
C3 GOL F . 0.75 27.74 -4.55
O3 GOL F . 1.99 27.41 -3.91
PU 4PU G . -16.37 13.36 -29.67
C15 4OZ H . -11.77 20.67 -28.87
C25 4OZ H . -15.61 16.76 -25.27
O26 4OZ H . -15.34 15.82 -24.53
OG 4OZ H . -14.74 17.93 -25.28
CB 4OZ H . -13.44 17.86 -25.88
CA 4OZ H . -13.53 17.52 -27.37
N 4OZ H . -13.38 16.08 -27.59
C 4OZ H . -12.58 18.36 -28.19
O 4OZ H . -12.47 19.80 -27.96
OXT 4OZ H . -11.87 17.86 -29.08
C34 4OZ H . -12.33 15.35 -27.21
C35 4OZ H . -12.27 13.90 -27.63
C36 4OZ H . -11.09 13.19 -27.58
C37 4OZ H . -11.06 11.86 -27.99
C38 4OZ H . -12.22 11.25 -28.45
C39 4OZ H . -13.42 11.96 -28.52
C40 4OZ H . -13.42 13.29 -28.12
O48 4OZ H . -11.41 15.80 -26.55
O50 4OZ H . -14.52 14.06 -28.13
O51 4OZ H . -14.54 11.30 -28.98
PU 4PU I . 13.59 -27.95 15.35
C15 4OZ J . 16.25 -35.03 11.40
C25 4OZ J . 11.24 -30.30 11.24
O26 4OZ J . 10.10 -30.71 11.13
OG 4OZ J . 12.27 -30.87 10.39
CB 4OZ J . 12.93 -32.10 10.72
CA 4OZ J . 14.21 -31.74 11.47
N 4OZ J . 14.49 -30.30 11.42
C 4OZ J . 15.39 -32.69 11.25
O 4OZ J . 15.19 -34.12 11.08
OXT 4OZ J . 16.55 -32.32 11.25
C34 4OZ J . 14.64 -29.41 10.40
C35 4OZ J . 15.01 -28.02 10.88
C36 4OZ J . 15.69 -27.13 10.08
C37 4OZ J . 16.09 -25.89 10.59
C38 4OZ J . 15.80 -25.53 11.89
C39 4OZ J . 15.12 -26.44 12.70
C40 4OZ J . 14.75 -27.66 12.20
O48 4OZ J . 14.63 -29.69 9.22
O50 4OZ J . 14.11 -28.48 13.05
O51 4OZ J . 14.78 -26.19 13.99
C1 GOL K . -1.24 -6.52 5.30
O1 GOL K . -1.09 -6.01 6.65
C2 GOL K . -0.71 -7.95 5.22
O2 GOL K . -1.74 -8.88 4.86
C3 GOL K . 0.43 -8.08 4.22
O3 GOL K . 1.68 -7.78 4.82
S SO4 L . 12.59 -35.34 -3.52
O1 SO4 L . 12.27 -35.79 -2.13
O2 SO4 L . 11.37 -34.88 -4.21
O3 SO4 L . 13.20 -36.51 -4.21
O4 SO4 L . 13.54 -34.22 -3.54
S SO4 M . 7.03 -28.74 -7.77
O1 SO4 M . 6.92 -30.05 -7.07
O2 SO4 M . 5.88 -27.89 -7.38
O3 SO4 M . 8.30 -28.05 -7.43
O4 SO4 M . 6.97 -28.96 -9.25
#